data_1RVH
#
_entry.id   1RVH
#
_entity_poly.entity_id   1
_entity_poly.type   'polydeoxyribonucleotide'
_entity_poly.pdbx_seq_one_letter_code
;(DG)(DC)(DA)(DA)(DA)(DA)(DT)(DT)(DT)(DT)(DG)(DC)
;
_entity_poly.pdbx_strand_id   A,B
#
loop_
_chem_comp.id
_chem_comp.type
_chem_comp.name
_chem_comp.formula
DA DNA linking 2'-DEOXYADENOSINE-5'-MONOPHOSPHATE 'C10 H14 N5 O6 P'
DC DNA linking 2'-DEOXYCYTIDINE-5'-MONOPHOSPHATE 'C9 H14 N3 O7 P'
DG DNA linking 2'-DEOXYGUANOSINE-5'-MONOPHOSPHATE 'C10 H14 N5 O7 P'
DT DNA linking THYMIDINE-5'-MONOPHOSPHATE 'C10 H15 N2 O8 P'
#